data_6K9D
#
_entry.id   6K9D
#
_cell.length_a   88.631
_cell.length_b   88.631
_cell.length_c   123.411
_cell.angle_alpha   90.00
_cell.angle_beta   90.00
_cell.angle_gamma   90.00
#
_symmetry.space_group_name_H-M   'P 43 21 2'
#
loop_
_entity.id
_entity.type
_entity.pdbx_description
1 polymer 'GH12 beta-1, 4-endoglucanase'
2 water water
#
_entity_poly.entity_id   1
_entity_poly.type   'polypeptide(L)'
_entity_poly.pdbx_seq_one_letter_code
;QTLCDQYATYSNGRYTVYNNLWGKSSGSGSQCTYVDSISNSGVAWHTTWTWSGGDNQVKSYANSQVSLTKKLVSQISSIP
TTVQWSYDNTNTRADVAYDLFTAADINHVTYSGDYELMIWLARYGSVQPIGSQIDSVNIGGHTWELWYGGSTQKTYSFVS
ATPITSFSGDVMDFWDYLTSRHGYPASSQYLINMQFGTEPFTGGPATLRVSQWTASVN
;
_entity_poly.pdbx_strand_id   A
#
# COMPACT_ATOMS: atom_id res chain seq x y z
N GLN A 1 -9.88 17.79 -5.09
CA GLN A 1 -8.81 18.36 -5.92
C GLN A 1 -8.44 17.39 -7.06
N THR A 2 -7.70 17.94 -8.04
CA THR A 2 -7.17 17.24 -9.21
C THR A 2 -5.65 17.26 -9.15
N LEU A 3 -5.03 16.08 -9.17
CA LEU A 3 -3.63 15.91 -8.77
C LEU A 3 -2.86 15.22 -9.89
N CYS A 4 -2.33 15.99 -10.84
CA CYS A 4 -1.56 15.39 -11.92
C CYS A 4 -0.06 15.58 -11.78
N ASP A 5 0.40 16.49 -10.93
CA ASP A 5 1.83 16.69 -10.80
C ASP A 5 2.48 15.57 -9.98
N GLN A 6 3.81 15.47 -10.11
CA GLN A 6 4.55 14.31 -9.60
C GLN A 6 4.30 14.06 -8.11
N TYR A 7 4.30 15.11 -7.30
CA TYR A 7 4.11 14.97 -5.86
C TYR A 7 2.89 15.74 -5.36
N ALA A 8 1.86 15.84 -6.20
CA ALA A 8 0.65 16.54 -5.83
C ALA A 8 -0.06 15.84 -4.68
N THR A 9 -0.73 16.63 -3.83
CA THR A 9 -1.40 16.10 -2.66
C THR A 9 -2.63 16.94 -2.35
N TYR A 10 -3.60 16.31 -1.69
CA TYR A 10 -4.76 16.98 -1.12
C TYR A 10 -5.06 16.37 0.23
N SER A 11 -5.25 17.22 1.25
CA SER A 11 -5.59 16.73 2.58
C SER A 11 -6.80 17.47 3.11
N ASN A 12 -7.64 16.75 3.86
CA ASN A 12 -8.77 17.38 4.55
C ASN A 12 -8.98 16.60 5.85
N GLY A 13 -8.32 17.05 6.90
CA GLY A 13 -8.43 16.42 8.20
C GLY A 13 -7.72 15.09 8.31
N ARG A 14 -8.49 14.02 8.49
CA ARG A 14 -7.97 12.72 8.87
C ARG A 14 -7.27 11.98 7.72
N TYR A 15 -7.67 12.23 6.49
CA TYR A 15 -7.17 11.50 5.33
C TYR A 15 -6.45 12.45 4.39
N THR A 16 -5.45 11.91 3.69
CA THR A 16 -4.67 12.63 2.69
C THR A 16 -4.59 11.75 1.45
N VAL A 17 -4.62 12.36 0.26
CA VAL A 17 -4.45 11.63 -1.00
C VAL A 17 -3.23 12.19 -1.72
N TYR A 18 -2.46 11.30 -2.36
CA TYR A 18 -1.23 11.65 -3.06
C TYR A 18 -1.20 11.08 -4.47
N ASN A 19 -0.64 11.82 -5.42
CA ASN A 19 -0.33 11.26 -6.73
C ASN A 19 0.96 10.44 -6.68
N ASN A 20 2.03 10.99 -6.09
CA ASN A 20 3.21 10.22 -5.65
C ASN A 20 3.84 9.42 -6.80
N LEU A 21 4.21 10.13 -7.86
CA LEU A 21 4.84 9.46 -9.01
C LEU A 21 6.36 9.35 -8.79
N TRP A 22 6.72 8.65 -7.72
CA TRP A 22 8.12 8.65 -7.29
C TRP A 22 9.04 7.93 -8.26
N GLY A 23 8.52 7.02 -9.07
CA GLY A 23 9.35 6.23 -9.96
C GLY A 23 9.18 6.57 -11.43
N LYS A 24 8.67 7.77 -11.73
CA LYS A 24 8.35 8.08 -13.12
C LYS A 24 9.60 8.09 -13.99
N SER A 25 10.76 8.37 -13.42
CA SER A 25 12.00 8.38 -14.20
C SER A 25 12.41 6.99 -14.68
N SER A 26 11.81 5.93 -14.14
N SER A 26 11.82 5.92 -14.16
CA SER A 26 12.13 4.58 -14.57
CA SER A 26 12.18 4.58 -14.59
C SER A 26 11.50 4.20 -15.90
C SER A 26 11.40 4.13 -15.83
N GLY A 27 10.58 4.99 -16.41
CA GLY A 27 9.86 4.64 -17.63
C GLY A 27 9.28 5.86 -18.30
N SER A 28 8.16 5.67 -19.00
CA SER A 28 7.46 6.72 -19.71
C SER A 28 5.98 6.58 -19.45
N GLY A 29 5.31 7.69 -19.18
CA GLY A 29 3.88 7.65 -18.96
C GLY A 29 3.43 8.85 -18.17
N SER A 30 2.20 8.74 -17.66
N SER A 30 2.18 8.75 -17.69
CA SER A 30 1.60 9.85 -16.93
CA SER A 30 1.55 9.85 -16.98
C SER A 30 0.45 9.30 -16.09
C SER A 30 0.47 9.28 -16.08
N GLN A 31 0.06 10.09 -15.09
CA GLN A 31 -0.90 9.62 -14.10
C GLN A 31 -1.51 10.81 -13.38
N CYS A 32 -2.84 10.75 -13.18
CA CYS A 32 -3.60 11.79 -12.50
C CYS A 32 -4.45 11.15 -11.42
N THR A 33 -4.51 11.79 -10.26
CA THR A 33 -5.28 11.29 -9.13
C THR A 33 -6.35 12.32 -8.76
N TYR A 34 -7.48 11.83 -8.25
CA TYR A 34 -8.67 12.63 -8.00
C TYR A 34 -9.28 12.25 -6.66
N VAL A 35 -9.70 13.24 -5.88
CA VAL A 35 -10.43 12.99 -4.64
C VAL A 35 -11.92 13.13 -4.94
N ASP A 36 -12.69 12.09 -4.62
CA ASP A 36 -14.12 12.10 -4.88
C ASP A 36 -14.95 12.54 -3.69
N SER A 37 -14.56 12.11 -2.49
CA SER A 37 -15.23 12.55 -1.27
C SER A 37 -14.30 12.24 -0.12
N ILE A 38 -14.37 13.07 0.92
CA ILE A 38 -13.44 12.94 2.03
C ILE A 38 -14.14 13.44 3.28
N SER A 39 -14.06 12.67 4.34
CA SER A 39 -14.67 13.06 5.61
C SER A 39 -13.95 12.33 6.73
N ASN A 40 -14.43 12.52 7.94
CA ASN A 40 -13.83 11.82 9.06
C ASN A 40 -14.10 10.32 9.00
N SER A 41 -15.16 9.89 8.31
CA SER A 41 -15.54 8.49 8.24
C SER A 41 -14.87 7.71 7.12
N GLY A 42 -14.12 8.35 6.24
CA GLY A 42 -13.50 7.63 5.14
C GLY A 42 -13.20 8.55 3.98
N VAL A 43 -12.55 7.97 2.97
CA VAL A 43 -12.16 8.73 1.79
C VAL A 43 -12.45 7.90 0.55
N ALA A 44 -12.88 8.57 -0.51
CA ALA A 44 -13.11 7.97 -1.81
C ALA A 44 -12.29 8.74 -2.83
N TRP A 45 -11.59 8.01 -3.71
CA TRP A 45 -10.66 8.65 -4.62
C TRP A 45 -10.44 7.70 -5.81
N HIS A 46 -9.82 8.23 -6.87
CA HIS A 46 -9.45 7.35 -7.97
C HIS A 46 -8.19 7.89 -8.64
N THR A 47 -7.51 7.00 -9.37
CA THR A 47 -6.30 7.40 -10.09
C THR A 47 -6.27 6.71 -11.45
N THR A 48 -5.79 7.41 -12.46
CA THR A 48 -5.76 6.94 -13.84
C THR A 48 -4.34 7.03 -14.37
N TRP A 49 -3.86 5.97 -15.03
CA TRP A 49 -2.45 5.95 -15.43
C TRP A 49 -2.23 5.16 -16.71
N THR A 50 -1.14 5.53 -17.40
CA THR A 50 -0.54 4.73 -18.45
CA THR A 50 -0.54 4.74 -18.46
C THR A 50 0.96 4.74 -18.23
N TRP A 51 1.59 3.56 -18.23
CA TRP A 51 3.02 3.46 -18.01
C TRP A 51 3.64 2.44 -18.96
N SER A 52 4.87 2.72 -19.37
CA SER A 52 5.64 1.78 -20.18
CA SER A 52 5.65 1.82 -20.21
C SER A 52 7.11 1.88 -19.80
N GLY A 53 7.89 0.89 -20.22
CA GLY A 53 9.31 0.86 -19.94
C GLY A 53 9.62 0.41 -18.52
N GLY A 54 10.93 0.26 -18.26
CA GLY A 54 11.42 -0.19 -16.96
C GLY A 54 10.54 -1.26 -16.36
N ASP A 55 10.43 -2.40 -17.06
CA ASP A 55 9.32 -3.33 -16.84
C ASP A 55 9.20 -3.82 -15.41
N ASN A 56 10.31 -3.98 -14.69
CA ASN A 56 10.27 -4.52 -13.33
C ASN A 56 10.40 -3.44 -12.26
N GLN A 57 10.21 -2.16 -12.61
N GLN A 57 10.22 -2.17 -12.63
CA GLN A 57 10.34 -1.05 -11.68
CA GLN A 57 10.32 -1.05 -11.71
C GLN A 57 9.00 -0.37 -11.47
C GLN A 57 8.92 -0.50 -11.46
N VAL A 58 8.61 -0.20 -10.19
CA VAL A 58 7.37 0.49 -9.87
C VAL A 58 7.47 1.95 -10.31
N LYS A 59 6.41 2.46 -10.94
CA LYS A 59 6.45 3.84 -11.45
C LYS A 59 5.90 4.86 -10.46
N SER A 60 5.03 4.44 -9.55
CA SER A 60 4.30 5.37 -8.70
C SER A 60 3.61 4.58 -7.61
N TYR A 61 3.07 5.32 -6.62
CA TYR A 61 2.18 4.72 -5.64
C TYR A 61 1.20 5.80 -5.20
N ALA A 62 0.28 6.15 -6.10
CA ALA A 62 -0.84 7.00 -5.72
C ALA A 62 -1.61 6.30 -4.60
N ASN A 63 -2.01 7.07 -3.58
CA ASN A 63 -2.51 6.43 -2.37
C ASN A 63 -3.33 7.40 -1.54
N SER A 64 -4.14 6.81 -0.66
CA SER A 64 -4.71 7.53 0.46
C SER A 64 -3.97 7.14 1.73
N GLN A 65 -3.88 8.07 2.66
CA GLN A 65 -3.10 7.90 3.88
C GLN A 65 -3.94 8.34 5.06
N VAL A 66 -3.83 7.65 6.19
CA VAL A 66 -4.58 8.02 7.39
C VAL A 66 -3.62 8.67 8.38
N SER A 67 -4.10 9.73 9.03
CA SER A 67 -3.32 10.36 10.08
C SER A 67 -3.24 9.44 11.29
N LEU A 68 -2.11 9.46 11.98
CA LEU A 68 -1.94 8.55 13.11
C LEU A 68 -1.03 9.18 14.15
N THR A 69 -1.16 8.71 15.38
CA THR A 69 -0.18 8.98 16.42
C THR A 69 0.86 7.87 16.38
N LYS A 70 2.14 8.26 16.28
CA LYS A 70 3.22 7.29 16.19
CA LYS A 70 3.21 7.29 16.19
C LYS A 70 3.39 6.57 17.52
N LYS A 71 3.21 5.25 17.50
CA LYS A 71 3.26 4.40 18.69
C LYS A 71 4.11 3.18 18.39
N LEU A 72 4.68 2.59 19.44
CA LEU A 72 5.32 1.29 19.30
C LEU A 72 4.29 0.26 18.84
N VAL A 73 4.70 -0.63 17.93
CA VAL A 73 3.77 -1.64 17.44
C VAL A 73 3.26 -2.49 18.61
N SER A 74 4.10 -2.75 19.59
CA SER A 74 3.71 -3.50 20.78
C SER A 74 2.66 -2.78 21.62
N GLN A 75 2.43 -1.49 21.40
CA GLN A 75 1.44 -0.74 22.15
C GLN A 75 0.16 -0.45 21.37
N ILE A 76 0.07 -0.87 20.11
CA ILE A 76 -1.13 -0.61 19.32
C ILE A 76 -2.18 -1.68 19.61
N SER A 77 -3.41 -1.24 19.90
CA SER A 77 -4.47 -2.18 20.26
C SER A 77 -5.13 -2.79 19.02
N SER A 78 -5.34 -1.98 17.98
CA SER A 78 -5.97 -2.49 16.77
C SER A 78 -5.69 -1.50 15.64
N ILE A 79 -5.67 -2.03 14.41
CA ILE A 79 -5.61 -1.20 13.21
C ILE A 79 -6.73 -1.68 12.29
N PRO A 80 -7.98 -1.34 12.62
CA PRO A 80 -9.08 -1.74 11.74
C PRO A 80 -9.04 -0.97 10.42
N THR A 81 -9.37 -1.67 9.35
CA THR A 81 -9.42 -1.04 8.04
C THR A 81 -10.45 -1.75 7.19
N THR A 82 -11.12 -1.00 6.34
CA THR A 82 -12.01 -1.56 5.33
C THR A 82 -11.78 -0.82 4.03
N VAL A 83 -11.95 -1.53 2.92
CA VAL A 83 -11.78 -0.89 1.62
C VAL A 83 -12.66 -1.58 0.60
N GLN A 84 -13.22 -0.78 -0.30
CA GLN A 84 -13.91 -1.26 -1.47
C GLN A 84 -13.30 -0.56 -2.68
N TRP A 85 -12.85 -1.34 -3.67
CA TRP A 85 -12.17 -0.76 -4.82
C TRP A 85 -12.48 -1.59 -6.06
N SER A 86 -12.14 -1.02 -7.22
CA SER A 86 -12.24 -1.76 -8.48
C SER A 86 -11.29 -1.14 -9.49
N TYR A 87 -10.84 -1.97 -10.43
CA TYR A 87 -10.11 -1.54 -11.62
C TYR A 87 -10.98 -1.75 -12.85
N ASP A 88 -10.96 -0.78 -13.77
CA ASP A 88 -11.73 -0.97 -15.01
C ASP A 88 -10.96 -1.82 -16.01
N ASN A 89 -9.66 -1.63 -16.12
CA ASN A 89 -8.80 -2.37 -17.04
C ASN A 89 -7.82 -3.17 -16.18
N THR A 90 -7.93 -4.50 -16.22
CA THR A 90 -7.01 -5.35 -15.45
C THR A 90 -6.01 -6.08 -16.34
N ASN A 91 -5.92 -5.71 -17.61
CA ASN A 91 -4.90 -6.28 -18.50
C ASN A 91 -3.60 -5.47 -18.38
N THR A 92 -3.05 -5.48 -17.16
CA THR A 92 -1.95 -4.60 -16.79
C THR A 92 -0.93 -5.41 -16.00
N ARG A 93 0.17 -4.75 -15.66
CA ARG A 93 1.17 -5.29 -14.73
C ARG A 93 1.22 -4.30 -13.56
N ALA A 94 0.59 -4.68 -12.45
CA ALA A 94 0.35 -3.74 -11.36
C ALA A 94 -0.11 -4.51 -10.13
N ASP A 95 -0.07 -3.84 -8.98
CA ASP A 95 -0.67 -4.39 -7.78
C ASP A 95 -1.55 -3.35 -7.11
N VAL A 96 -2.40 -3.82 -6.20
CA VAL A 96 -3.18 -2.99 -5.29
C VAL A 96 -2.77 -3.40 -3.89
N ALA A 97 -2.37 -2.43 -3.06
CA ALA A 97 -1.68 -2.81 -1.82
C ALA A 97 -1.80 -1.76 -0.73
N TYR A 98 -1.91 -2.25 0.50
CA TYR A 98 -1.56 -1.47 1.68
C TYR A 98 -0.04 -1.38 1.80
N ASP A 99 0.43 -0.26 2.35
CA ASP A 99 1.84 -0.02 2.61
C ASP A 99 1.97 0.61 4.00
N LEU A 100 2.76 -0.03 4.88
CA LEU A 100 3.01 0.50 6.22
C LEU A 100 4.50 0.51 6.49
N PHE A 101 4.98 1.53 7.22
CA PHE A 101 6.40 1.61 7.57
C PHE A 101 6.56 1.71 9.07
N THR A 102 7.58 1.02 9.59
CA THR A 102 7.98 1.19 10.98
C THR A 102 9.46 1.50 11.07
N ALA A 103 9.84 2.16 12.16
CA ALA A 103 11.24 2.47 12.40
C ALA A 103 11.50 2.59 13.90
N ALA A 104 12.73 2.27 14.29
CA ALA A 104 13.13 2.47 15.68
C ALA A 104 13.25 3.94 16.04
N ASP A 105 13.60 4.77 15.06
CA ASP A 105 13.68 6.23 15.25
C ASP A 105 12.29 6.81 14.97
N ILE A 106 11.66 7.36 16.01
CA ILE A 106 10.30 7.86 15.88
C ILE A 106 10.23 9.02 14.90
N ASN A 107 11.34 9.69 14.62
CA ASN A 107 11.38 10.81 13.70
C ASN A 107 11.91 10.43 12.33
N HIS A 108 11.99 9.15 12.01
CA HIS A 108 12.33 8.66 10.67
C HIS A 108 11.44 9.32 9.62
N VAL A 109 11.98 9.51 8.42
CA VAL A 109 11.15 9.96 7.31
C VAL A 109 10.03 8.94 7.08
N THR A 110 8.85 9.44 6.70
CA THR A 110 7.66 8.59 6.72
C THR A 110 7.47 7.75 5.45
N TYR A 111 8.27 7.96 4.41
CA TYR A 111 8.13 7.23 3.16
C TYR A 111 9.09 6.05 3.05
N SER A 112 9.78 5.72 4.14
CA SER A 112 10.61 4.53 4.22
C SER A 112 10.69 4.15 5.70
N GLY A 113 11.38 3.04 5.97
CA GLY A 113 11.51 2.64 7.37
C GLY A 113 12.54 1.55 7.54
N ASP A 114 12.72 1.15 8.81
CA ASP A 114 13.47 -0.07 9.11
C ASP A 114 12.77 -1.28 8.51
N TYR A 115 11.45 -1.29 8.59
CA TYR A 115 10.62 -2.35 8.07
C TYR A 115 9.51 -1.75 7.24
N GLU A 116 9.11 -2.50 6.21
CA GLU A 116 7.94 -2.17 5.41
C GLU A 116 7.03 -3.40 5.38
N LEU A 117 5.74 -3.18 5.60
CA LEU A 117 4.72 -4.21 5.49
C LEU A 117 3.82 -3.86 4.33
N MET A 118 3.72 -4.76 3.35
CA MET A 118 2.76 -4.59 2.26
C MET A 118 1.73 -5.69 2.31
N ILE A 119 0.47 -5.35 2.02
CA ILE A 119 -0.59 -6.34 1.88
C ILE A 119 -1.20 -6.14 0.51
N TRP A 120 -0.89 -7.04 -0.41
CA TRP A 120 -1.36 -6.92 -1.79
C TRP A 120 -2.73 -7.57 -1.90
N LEU A 121 -3.76 -6.74 -2.05
CA LEU A 121 -5.10 -7.26 -2.30
C LEU A 121 -5.27 -7.74 -3.74
N ALA A 122 -4.39 -7.32 -4.66
CA ALA A 122 -4.48 -7.82 -6.03
C ALA A 122 -3.12 -7.74 -6.68
N ARG A 123 -2.85 -8.71 -7.55
CA ARG A 123 -1.65 -8.76 -8.37
C ARG A 123 -2.10 -9.02 -9.80
N TYR A 124 -1.74 -8.13 -10.71
CA TYR A 124 -2.08 -8.28 -12.12
C TYR A 124 -0.81 -8.47 -12.94
N GLY A 125 -0.87 -9.43 -13.87
CA GLY A 125 0.25 -9.62 -14.76
C GLY A 125 1.45 -10.28 -14.10
N SER A 126 2.58 -10.18 -14.80
CA SER A 126 3.80 -10.86 -14.39
C SER A 126 4.67 -9.90 -13.57
N VAL A 127 4.17 -9.59 -12.36
CA VAL A 127 4.89 -8.71 -11.43
C VAL A 127 5.13 -9.47 -10.15
N GLN A 128 6.19 -9.08 -9.44
CA GLN A 128 6.40 -9.79 -8.20
C GLN A 128 6.85 -8.85 -7.10
N PRO A 129 6.59 -9.22 -5.85
CA PRO A 129 7.00 -8.40 -4.72
C PRO A 129 8.51 -8.36 -4.59
N ILE A 130 8.94 -7.50 -3.66
CA ILE A 130 10.34 -7.44 -3.27
C ILE A 130 10.79 -8.77 -2.66
N GLY A 131 11.97 -9.23 -3.07
CA GLY A 131 12.57 -10.40 -2.44
C GLY A 131 12.12 -11.73 -3.01
N SER A 132 11.94 -12.72 -2.15
N SER A 132 11.94 -12.72 -2.15
CA SER A 132 11.50 -14.05 -2.58
CA SER A 132 11.51 -14.05 -2.57
C SER A 132 10.41 -14.55 -1.66
C SER A 132 10.40 -14.55 -1.65
N GLN A 133 9.59 -15.46 -2.18
CA GLN A 133 8.51 -16.05 -1.40
C GLN A 133 9.09 -16.96 -0.36
N ILE A 134 8.67 -16.81 0.89
CA ILE A 134 9.15 -17.68 1.94
C ILE A 134 8.11 -18.68 2.43
N ASP A 135 6.82 -18.40 2.27
CA ASP A 135 5.82 -19.38 2.69
C ASP A 135 4.46 -18.98 2.14
N SER A 136 3.48 -19.85 2.39
CA SER A 136 2.07 -19.56 2.27
C SER A 136 1.49 -19.58 3.68
N VAL A 137 0.72 -18.53 4.03
CA VAL A 137 0.26 -18.32 5.39
C VAL A 137 -1.23 -18.00 5.41
N ASN A 138 -1.87 -18.24 6.56
CA ASN A 138 -3.29 -17.99 6.74
C ASN A 138 -3.49 -16.94 7.82
N ILE A 139 -4.06 -15.79 7.45
CA ILE A 139 -4.24 -14.69 8.39
C ILE A 139 -5.59 -14.06 8.12
N GLY A 140 -6.42 -13.97 9.15
CA GLY A 140 -7.66 -13.23 9.04
C GLY A 140 -8.68 -13.82 8.10
N GLY A 141 -8.66 -15.12 7.88
CA GLY A 141 -9.59 -15.76 6.98
C GLY A 141 -9.18 -15.78 5.52
N HIS A 142 -7.94 -15.41 5.20
CA HIS A 142 -7.45 -15.46 3.83
C HIS A 142 -6.10 -16.16 3.83
N THR A 143 -5.80 -16.82 2.70
CA THR A 143 -4.47 -17.37 2.42
C THR A 143 -3.63 -16.33 1.68
N TRP A 144 -2.39 -16.13 2.15
CA TRP A 144 -1.48 -15.15 1.56
C TRP A 144 -0.17 -15.81 1.19
N GLU A 145 0.41 -15.44 0.04
CA GLU A 145 1.83 -15.67 -0.18
C GLU A 145 2.62 -14.69 0.67
N LEU A 146 3.63 -15.18 1.40
CA LEU A 146 4.48 -14.30 2.18
C LEU A 146 5.83 -14.17 1.49
N TRP A 147 6.20 -12.94 1.16
CA TRP A 147 7.47 -12.61 0.52
C TRP A 147 8.30 -11.77 1.48
N TYR A 148 9.63 -11.91 1.37
CA TYR A 148 10.53 -11.13 2.18
C TYR A 148 11.77 -10.77 1.37
N GLY A 149 12.23 -9.54 1.51
CA GLY A 149 13.49 -9.16 0.90
C GLY A 149 13.90 -7.77 1.31
N GLY A 150 14.95 -7.29 0.68
CA GLY A 150 15.45 -5.95 0.94
C GLY A 150 16.66 -5.97 1.84
N SER A 151 17.40 -4.85 1.82
CA SER A 151 18.66 -4.76 2.53
C SER A 151 18.49 -3.80 3.67
N THR A 152 18.68 -2.49 3.47
CA THR A 152 18.49 -1.52 4.54
C THR A 152 17.02 -1.40 4.92
N GLN A 153 16.12 -1.67 3.99
CA GLN A 153 14.69 -1.71 4.26
C GLN A 153 14.21 -3.14 4.08
N LYS A 154 13.79 -3.75 5.17
CA LYS A 154 13.29 -5.11 5.15
C LYS A 154 11.80 -5.05 4.83
N THR A 155 11.38 -5.64 3.71
CA THR A 155 9.99 -5.59 3.26
C THR A 155 9.36 -6.98 3.34
N TYR A 156 8.27 -7.09 4.10
CA TYR A 156 7.41 -8.27 4.10
C TYR A 156 6.18 -7.95 3.26
N SER A 157 5.87 -8.80 2.28
CA SER A 157 4.69 -8.60 1.45
C SER A 157 3.79 -9.82 1.55
N PHE A 158 2.53 -9.59 1.91
CA PHE A 158 1.50 -10.63 1.95
C PHE A 158 0.64 -10.47 0.72
N VAL A 159 0.57 -11.49 -0.13
CA VAL A 159 -0.02 -11.35 -1.46
C VAL A 159 -1.21 -12.29 -1.61
N SER A 160 -2.36 -11.73 -2.01
CA SER A 160 -3.52 -12.56 -2.32
C SER A 160 -3.44 -13.01 -3.77
N ALA A 161 -3.55 -14.33 -3.98
CA ALA A 161 -3.50 -14.86 -5.35
C ALA A 161 -4.75 -14.51 -6.16
N THR A 162 -5.85 -14.18 -5.51
N THR A 162 -5.86 -14.21 -5.51
CA THR A 162 -7.09 -13.75 -6.13
CA THR A 162 -7.06 -13.72 -6.17
C THR A 162 -7.43 -12.33 -5.66
C THR A 162 -7.38 -12.32 -5.67
N PRO A 163 -7.83 -11.42 -6.55
CA PRO A 163 -8.11 -10.05 -6.11
C PRO A 163 -9.22 -9.99 -5.06
N ILE A 164 -8.96 -9.23 -4.00
CA ILE A 164 -9.91 -9.00 -2.93
C ILE A 164 -10.39 -7.55 -3.09
N THR A 165 -11.56 -7.36 -3.70
CA THR A 165 -12.05 -6.01 -3.97
C THR A 165 -12.88 -5.44 -2.84
N SER A 166 -13.31 -6.27 -1.89
N SER A 166 -13.33 -6.28 -1.90
CA SER A 166 -14.00 -5.82 -0.68
CA SER A 166 -14.00 -5.85 -0.68
C SER A 166 -13.28 -6.47 0.49
C SER A 166 -13.25 -6.50 0.48
N PHE A 167 -12.53 -5.69 1.23
CA PHE A 167 -11.65 -6.21 2.28
C PHE A 167 -11.96 -5.52 3.61
N SER A 168 -11.94 -6.30 4.68
N SER A 168 -12.01 -6.32 4.66
CA SER A 168 -12.08 -5.74 6.03
CA SER A 168 -12.07 -5.82 6.02
C SER A 168 -11.25 -6.58 6.98
C SER A 168 -11.09 -6.63 6.85
N GLY A 169 -10.35 -5.94 7.71
CA GLY A 169 -9.44 -6.68 8.56
C GLY A 169 -8.81 -5.78 9.59
N ASP A 170 -7.92 -6.37 10.37
CA ASP A 170 -7.15 -5.67 11.40
C ASP A 170 -5.70 -5.89 11.05
N VAL A 171 -4.99 -4.82 10.71
CA VAL A 171 -3.60 -5.00 10.29
C VAL A 171 -2.74 -5.52 11.43
N MET A 172 -3.18 -5.35 12.69
CA MET A 172 -2.44 -5.95 13.80
C MET A 172 -2.36 -7.48 13.70
N ASP A 173 -3.28 -8.13 12.99
CA ASP A 173 -3.11 -9.58 12.79
C ASP A 173 -1.85 -9.87 12.00
N PHE A 174 -1.48 -8.99 11.08
CA PHE A 174 -0.28 -9.21 10.30
C PHE A 174 0.97 -8.87 11.09
N TRP A 175 0.94 -7.78 11.87
CA TRP A 175 2.04 -7.49 12.77
C TRP A 175 2.22 -8.60 13.80
N ASP A 176 1.11 -9.09 14.37
CA ASP A 176 1.18 -10.20 15.32
C ASP A 176 1.82 -11.44 14.69
N TYR A 177 1.41 -11.75 13.46
CA TYR A 177 2.00 -12.89 12.75
C TYR A 177 3.51 -12.74 12.63
N LEU A 178 3.99 -11.58 12.18
CA LEU A 178 5.44 -11.37 12.05
C LEU A 178 6.13 -11.37 13.40
N THR A 179 5.49 -10.81 14.43
CA THR A 179 6.07 -10.82 15.77
C THR A 179 6.22 -12.25 16.30
N SER A 180 5.17 -13.06 16.12
CA SER A 180 5.17 -14.42 16.69
C SER A 180 6.07 -15.37 15.92
N ARG A 181 6.09 -15.28 14.59
CA ARG A 181 6.73 -16.32 13.78
C ARG A 181 7.98 -15.88 13.04
N HIS A 182 8.27 -14.58 12.96
CA HIS A 182 9.45 -14.13 12.23
C HIS A 182 10.30 -13.16 13.04
N GLY A 183 10.13 -13.13 14.36
CA GLY A 183 11.00 -12.35 15.21
C GLY A 183 10.92 -10.86 15.00
N TYR A 184 9.81 -10.36 14.47
CA TYR A 184 9.70 -8.92 14.24
C TYR A 184 9.78 -8.18 15.58
N PRO A 185 10.66 -7.15 15.70
CA PRO A 185 10.87 -6.44 16.99
C PRO A 185 9.81 -5.39 17.28
N ALA A 186 8.60 -5.86 17.58
CA ALA A 186 7.47 -4.96 17.76
C ALA A 186 7.65 -4.00 18.93
N SER A 187 8.41 -4.39 19.96
N SER A 187 8.41 -4.39 19.95
CA SER A 187 8.55 -3.57 21.15
CA SER A 187 8.57 -3.58 21.15
C SER A 187 9.56 -2.43 20.97
C SER A 187 9.57 -2.44 20.97
N SER A 188 10.24 -2.34 19.83
CA SER A 188 11.18 -1.27 19.58
C SER A 188 10.95 -0.56 18.26
N GLN A 189 9.81 -0.81 17.60
CA GLN A 189 9.51 -0.23 16.30
C GLN A 189 8.26 0.63 16.41
N TYR A 190 8.33 1.86 15.92
CA TYR A 190 7.18 2.76 15.87
C TYR A 190 6.51 2.65 14.51
N LEU A 191 5.18 2.58 14.50
CA LEU A 191 4.45 2.66 13.25
C LEU A 191 4.35 4.12 12.83
N ILE A 192 4.90 4.46 11.67
CA ILE A 192 5.01 5.86 11.28
C ILE A 192 4.20 6.23 10.05
N ASN A 193 3.64 5.26 9.31
CA ASN A 193 2.85 5.59 8.13
C ASN A 193 1.96 4.40 7.79
N MET A 194 0.75 4.71 7.31
CA MET A 194 -0.17 3.70 6.79
C MET A 194 -0.90 4.26 5.58
N GLN A 195 -0.81 3.52 4.46
CA GLN A 195 -1.32 3.98 3.17
C GLN A 195 -2.00 2.82 2.46
N PHE A 196 -2.86 3.18 1.49
CA PHE A 196 -3.48 2.21 0.60
C PHE A 196 -3.47 2.78 -0.82
N GLY A 197 -3.06 1.99 -1.79
CA GLY A 197 -3.02 2.50 -3.15
C GLY A 197 -2.65 1.44 -4.16
N THR A 198 -2.03 1.86 -5.27
CA THR A 198 -1.72 0.93 -6.34
C THR A 198 -0.32 1.22 -6.87
N GLU A 199 0.44 0.15 -7.14
CA GLU A 199 1.76 0.26 -7.77
C GLU A 199 1.69 -0.20 -9.22
N PRO A 200 1.74 0.70 -10.19
CA PRO A 200 1.80 0.27 -11.59
C PRO A 200 3.22 -0.01 -12.03
N PHE A 201 3.36 -1.08 -12.82
CA PHE A 201 4.61 -1.34 -13.54
C PHE A 201 4.47 -0.93 -15.00
N THR A 202 3.56 -1.56 -15.74
CA THR A 202 3.32 -1.21 -17.14
C THR A 202 1.85 -1.46 -17.47
N GLY A 203 1.38 -0.77 -18.51
CA GLY A 203 0.06 -1.03 -19.05
C GLY A 203 -0.78 0.24 -19.08
N GLY A 204 -2.06 0.05 -19.38
CA GLY A 204 -3.01 1.14 -19.29
C GLY A 204 -3.59 1.54 -20.63
N PRO A 205 -4.47 2.54 -20.64
CA PRO A 205 -4.88 3.29 -19.44
C PRO A 205 -5.72 2.46 -18.50
N ALA A 206 -5.56 2.72 -17.21
CA ALA A 206 -6.31 1.97 -16.20
C ALA A 206 -6.65 2.91 -15.07
N THR A 207 -7.87 2.79 -14.55
CA THR A 207 -8.35 3.62 -13.45
C THR A 207 -8.67 2.74 -12.26
N LEU A 208 -7.99 2.99 -11.14
CA LEU A 208 -8.34 2.40 -9.86
C LEU A 208 -9.37 3.32 -9.20
N ARG A 209 -10.55 2.79 -8.90
CA ARG A 209 -11.57 3.53 -8.17
C ARG A 209 -11.68 2.96 -6.78
N VAL A 210 -11.40 3.79 -5.78
CA VAL A 210 -11.56 3.44 -4.38
C VAL A 210 -12.86 4.09 -3.93
N SER A 211 -13.93 3.29 -3.83
N SER A 211 -13.91 3.28 -3.83
CA SER A 211 -15.21 3.89 -3.44
CA SER A 211 -15.22 3.82 -3.44
C SER A 211 -15.29 4.18 -1.96
C SER A 211 -15.25 4.20 -1.97
N GLN A 212 -14.50 3.49 -1.13
CA GLN A 212 -14.36 3.87 0.27
C GLN A 212 -13.12 3.22 0.86
N TRP A 213 -12.31 4.00 1.55
CA TRP A 213 -11.23 3.49 2.39
C TRP A 213 -11.39 4.08 3.78
N THR A 214 -11.32 3.23 4.79
CA THR A 214 -11.31 3.66 6.18
C THR A 214 -10.18 2.96 6.90
N ALA A 215 -9.59 3.64 7.87
CA ALA A 215 -8.52 3.06 8.66
C ALA A 215 -8.39 3.87 9.94
N SER A 216 -7.87 3.21 10.97
CA SER A 216 -7.56 3.89 12.21
C SER A 216 -6.44 3.12 12.89
N VAL A 217 -5.54 3.84 13.55
CA VAL A 217 -4.49 3.23 14.37
C VAL A 217 -4.87 3.51 15.83
N ASN A 218 -5.26 2.45 16.54
CA ASN A 218 -5.65 2.49 17.94
C ASN A 218 -4.67 1.72 18.82
#